data_5N2D
#
_entry.id   5N2D
#
_cell.length_a   41.201
_cell.length_b   85.734
_cell.length_c   161.126
_cell.angle_alpha   90.00
_cell.angle_beta   90.00
_cell.angle_gamma   90.00
#
_symmetry.space_group_name_H-M   'P 21 21 21'
#
loop_
_entity.id
_entity.type
_entity.pdbx_description
1 polymer 'Programmed cell death 1 ligand 1'
2 non-polymer ~{N}-[2-[[2,6-dimethoxy-4-[(2-methyl-3-phenyl-phenyl)methoxy]phenyl]methylamino]ethyl]ethanamide
3 water water
#
_entity_poly.entity_id   1
_entity_poly.type   'polypeptide(L)'
_entity_poly.pdbx_seq_one_letter_code
;RIFAVFIFMTYWHLLNAFTVTVPKDLYVVEYGSNMTIECKFPVEKQLDLAALIVYWEMEDKNIIQFVHGEEDLKVQHSSY
RQRARLLKDQLSLGNAALQITDVKLQDAGVYRCMISYGGADYKRITVKVNAPYAAALEHHHHHH
;
_entity_poly.pdbx_strand_id   A,B,C,D
#
loop_
_chem_comp.id
_chem_comp.type
_chem_comp.name
_chem_comp.formula
8J8 non-polymer ~{N}-[2-[[2,6-dimethoxy-4-[(2-methyl-3-phenyl-phenyl)methoxy]phenyl]methylamino]ethyl]ethanamide 'C27 H32 N2 O4'
#
# COMPACT_ATOMS: atom_id res chain seq x y z
N ALA A 17 8.32 32.34 -10.64
CA ALA A 17 8.25 32.26 -9.19
C ALA A 17 9.38 31.37 -8.63
N PHE A 18 9.16 30.86 -7.42
CA PHE A 18 10.17 30.11 -6.68
C PHE A 18 10.01 28.62 -7.00
N THR A 19 10.96 28.07 -7.75
CA THR A 19 10.87 26.69 -8.22
C THR A 19 12.04 25.87 -7.70
N VAL A 20 11.74 24.78 -6.97
CA VAL A 20 12.74 23.80 -6.57
C VAL A 20 12.89 22.78 -7.68
N THR A 21 14.13 22.45 -8.05
CA THR A 21 14.35 21.52 -9.14
C THR A 21 15.20 20.36 -8.64
N VAL A 22 15.00 19.20 -9.25
CA VAL A 22 15.79 18.02 -8.94
C VAL A 22 16.44 17.53 -10.24
N PRO A 23 17.77 17.52 -10.34
CA PRO A 23 18.40 16.97 -11.55
C PRO A 23 18.14 15.48 -11.74
N LYS A 24 18.06 14.71 -10.66
CA LYS A 24 17.68 13.29 -10.67
C LYS A 24 16.50 13.11 -9.73
N ASP A 25 15.38 12.63 -10.24
CA ASP A 25 14.29 12.26 -9.34
C ASP A 25 14.25 10.74 -9.08
N LEU A 26 15.22 9.97 -9.60
CA LEU A 26 15.34 8.54 -9.29
C LEU A 26 16.79 8.21 -9.00
N TYR A 27 17.06 7.64 -7.83
CA TYR A 27 18.40 7.19 -7.49
C TYR A 27 18.36 5.68 -7.29
N VAL A 28 19.34 4.98 -7.85
CA VAL A 28 19.48 3.54 -7.65
C VAL A 28 20.78 3.29 -6.87
N VAL A 29 20.69 2.52 -5.79
CA VAL A 29 21.70 2.56 -4.74
C VAL A 29 21.99 1.14 -4.27
N GLU A 30 23.26 0.77 -4.27
CA GLU A 30 23.67 -0.52 -3.76
C GLU A 30 23.64 -0.53 -2.23
N TYR A 31 23.09 -1.60 -1.65
CA TYR A 31 23.01 -1.74 -0.20
C TYR A 31 24.36 -1.47 0.47
N GLY A 32 24.29 -0.79 1.62
CA GLY A 32 25.47 -0.56 2.44
C GLY A 32 26.38 0.56 1.96
N SER A 33 26.16 1.09 0.75
CA SER A 33 26.98 2.18 0.24
C SER A 33 26.41 3.51 0.76
N ASN A 34 26.91 4.63 0.25
CA ASN A 34 26.46 5.95 0.69
C ASN A 34 25.87 6.71 -0.49
N MET A 35 24.86 7.56 -0.20
CA MET A 35 24.19 8.31 -1.25
C MET A 35 23.99 9.75 -0.84
N THR A 36 23.98 10.64 -1.84
CA THR A 36 23.62 12.04 -1.65
C THR A 36 22.57 12.38 -2.70
N ILE A 37 21.38 12.77 -2.23
CA ILE A 37 20.26 13.12 -3.10
C ILE A 37 20.07 14.62 -3.01
N GLU A 38 19.73 15.26 -4.14
CA GLU A 38 19.94 16.69 -4.26
C GLU A 38 18.68 17.43 -4.71
N CYS A 39 18.48 18.61 -4.16
CA CYS A 39 17.43 19.53 -4.57
C CYS A 39 18.03 20.91 -4.74
N LYS A 40 17.78 21.54 -5.88
CA LYS A 40 18.30 22.86 -6.18
C LYS A 40 17.20 23.92 -5.97
N PHE A 41 17.59 25.05 -5.42
CA PHE A 41 16.70 26.19 -5.24
C PHE A 41 17.41 27.45 -5.69
N PRO A 42 16.66 28.50 -6.06
CA PRO A 42 17.30 29.74 -6.55
C PRO A 42 17.98 30.52 -5.43
N VAL A 43 19.25 30.86 -5.64
CA VAL A 43 19.95 31.79 -4.77
C VAL A 43 20.33 33.03 -5.58
N GLU A 44 19.72 34.16 -5.23
CA GLU A 44 19.87 35.42 -5.96
C GLU A 44 21.31 35.89 -5.98
N LYS A 45 21.85 36.29 -4.83
CA LYS A 45 23.22 36.78 -4.77
C LYS A 45 24.05 35.92 -3.83
N GLN A 46 24.08 36.29 -2.54
CA GLN A 46 24.65 35.46 -1.49
C GLN A 46 23.51 34.91 -0.65
N LEU A 47 23.57 33.61 -0.35
CA LEU A 47 22.58 32.98 0.53
C LEU A 47 22.40 33.77 1.82
N ASP A 48 21.14 34.05 2.16
CA ASP A 48 20.78 34.54 3.49
C ASP A 48 20.30 33.34 4.28
N LEU A 49 21.17 32.80 5.14
CA LEU A 49 20.80 31.67 5.99
C LEU A 49 19.60 32.01 6.86
N ALA A 50 19.49 33.27 7.31
CA ALA A 50 18.39 33.62 8.21
C ALA A 50 17.03 33.36 7.56
N ALA A 51 16.94 33.44 6.23
CA ALA A 51 15.68 33.27 5.52
C ALA A 51 15.47 31.87 4.95
N LEU A 52 16.33 30.91 5.29
CA LEU A 52 16.25 29.59 4.66
C LEU A 52 15.76 28.55 5.65
N ILE A 53 14.79 27.75 5.21
CA ILE A 53 14.28 26.59 5.95
C ILE A 53 14.27 25.39 5.00
N VAL A 54 14.85 24.26 5.44
CA VAL A 54 14.88 23.01 4.65
C VAL A 54 14.42 21.86 5.54
N TYR A 55 13.37 21.16 5.09
CA TYR A 55 12.99 19.84 5.60
C TYR A 55 13.32 18.77 4.57
N TRP A 56 13.90 17.67 5.02
CA TRP A 56 14.03 16.43 4.25
C TRP A 56 13.25 15.35 4.97
N GLU A 57 12.30 14.73 4.30
CA GLU A 57 11.67 13.58 4.91
C GLU A 57 11.51 12.46 3.89
N MET A 58 11.23 11.26 4.41
CA MET A 58 10.77 10.16 3.57
C MET A 58 9.60 9.50 4.30
N GLU A 59 8.50 9.36 3.57
CA GLU A 59 7.30 8.69 4.05
C GLU A 59 6.97 9.10 5.48
N ASP A 60 7.02 10.40 5.72
CA ASP A 60 6.53 11.02 6.93
C ASP A 60 7.47 10.83 8.11
N LYS A 61 8.57 10.10 7.92
CA LYS A 61 9.69 10.07 8.87
C LYS A 61 10.60 11.26 8.58
N ASN A 62 10.75 12.15 9.56
CA ASN A 62 11.60 13.32 9.38
C ASN A 62 13.07 12.93 9.41
N ILE A 63 13.84 13.45 8.47
CA ILE A 63 15.29 13.21 8.41
C ILE A 63 16.07 14.45 8.83
N ILE A 64 15.77 15.57 8.22
CA ILE A 64 16.50 16.81 8.43
C ILE A 64 15.47 17.92 8.61
N GLN A 65 15.72 18.80 9.58
CA GLN A 65 15.07 20.10 9.62
C GLN A 65 16.17 21.13 9.79
N PHE A 66 16.21 22.11 8.89
CA PHE A 66 17.27 23.12 8.92
C PHE A 66 16.62 24.50 8.93
N VAL A 67 16.83 25.24 10.03
CA VAL A 67 16.16 26.50 10.31
C VAL A 67 17.18 27.45 10.92
N HIS A 68 17.17 28.70 10.49
CA HIS A 68 18.00 29.72 11.15
C HIS A 68 19.46 29.30 11.21
N GLY A 69 19.93 28.56 10.20
CA GLY A 69 21.32 28.22 10.11
C GLY A 69 21.76 26.97 10.85
N GLU A 70 20.84 26.17 11.41
CA GLU A 70 21.24 25.00 12.20
C GLU A 70 20.31 23.83 11.94
N GLU A 71 20.84 22.63 12.12
CA GLU A 71 20.08 21.39 11.93
C GLU A 71 19.29 21.05 13.18
N ASP A 72 17.97 20.92 13.03
CA ASP A 72 17.04 20.58 14.10
C ASP A 72 16.74 19.08 14.06
N LEU A 73 17.20 18.35 15.07
CA LEU A 73 16.99 16.90 15.17
C LEU A 73 15.85 16.57 16.14
N LYS A 74 14.76 17.34 16.01
CA LYS A 74 13.69 17.44 17.02
C LYS A 74 12.65 16.34 16.87
N VAL A 75 12.13 16.17 15.64
CA VAL A 75 11.16 15.14 15.33
C VAL A 75 11.79 14.18 14.32
N GLN A 76 13.12 14.08 14.37
CA GLN A 76 13.85 13.13 13.55
C GLN A 76 13.47 11.70 13.91
N HIS A 77 13.28 10.88 12.90
CA HIS A 77 13.02 9.46 13.11
C HIS A 77 14.32 8.72 13.41
N SER A 78 14.24 7.73 14.31
CA SER A 78 15.44 7.17 14.93
C SER A 78 16.34 6.46 13.90
N SER A 79 15.74 5.89 12.86
CA SER A 79 16.49 5.20 11.81
C SER A 79 17.34 6.15 10.97
N TYR A 80 17.39 7.42 11.34
CA TYR A 80 18.26 8.37 10.66
C TYR A 80 19.25 9.03 11.62
N ARG A 81 19.41 8.49 12.82
CA ARG A 81 20.42 9.02 13.74
C ARG A 81 21.81 8.63 13.27
N GLN A 82 22.69 9.62 13.14
CA GLN A 82 24.10 9.48 12.78
C GLN A 82 24.32 9.03 11.34
N ARG A 83 23.26 8.92 10.53
CA ARG A 83 23.38 8.50 9.14
C ARG A 83 23.07 9.61 8.13
N ALA A 84 22.34 10.65 8.54
CA ALA A 84 21.80 11.63 7.62
C ALA A 84 22.43 13.00 7.89
N ARG A 85 22.87 13.65 6.82
CA ARG A 85 23.63 14.89 6.92
C ARG A 85 23.22 15.80 5.78
N LEU A 86 23.06 17.09 6.09
CA LEU A 86 22.89 18.11 5.07
C LEU A 86 24.23 18.81 4.87
N LEU A 87 24.69 18.89 3.63
CA LEU A 87 25.97 19.55 3.35
C LEU A 87 25.75 21.06 3.37
N LYS A 88 26.14 21.70 4.47
CA LYS A 88 25.92 23.16 4.61
C LYS A 88 26.61 23.95 3.51
N ASP A 89 27.87 23.61 3.19
CA ASP A 89 28.57 24.29 2.11
C ASP A 89 27.70 24.40 0.85
N GLN A 90 27.02 23.32 0.47
CA GLN A 90 26.24 23.32 -0.77
C GLN A 90 25.01 24.22 -0.71
N LEU A 91 24.50 24.54 0.48
CA LEU A 91 23.36 25.46 0.56
C LEU A 91 23.70 26.81 -0.05
N SER A 92 24.94 27.27 0.12
CA SER A 92 25.25 28.58 -0.43
C SER A 92 25.40 28.54 -1.94
N LEU A 93 25.49 27.34 -2.52
CA LEU A 93 25.44 27.14 -3.95
C LEU A 93 24.02 26.98 -4.46
N GLY A 94 23.04 27.05 -3.57
CA GLY A 94 21.68 26.74 -3.90
C GLY A 94 21.37 25.26 -4.05
N ASN A 95 22.12 24.39 -3.37
CA ASN A 95 21.96 22.94 -3.49
C ASN A 95 21.75 22.35 -2.09
N ALA A 96 20.51 21.94 -1.80
CA ALA A 96 20.16 21.18 -0.59
C ALA A 96 20.50 19.71 -0.82
N ALA A 97 21.69 19.29 -0.37
CA ALA A 97 22.21 17.95 -0.58
C ALA A 97 22.09 17.12 0.69
N LEU A 98 21.31 16.03 0.62
CA LEU A 98 21.15 15.09 1.72
C LEU A 98 22.06 13.90 1.49
N GLN A 99 23.01 13.69 2.39
CA GLN A 99 23.90 12.53 2.39
C GLN A 99 23.42 11.52 3.43
N ILE A 100 23.19 10.30 3.00
CA ILE A 100 22.80 9.21 3.88
C ILE A 100 23.88 8.14 3.79
N THR A 101 24.44 7.77 4.94
CA THR A 101 25.54 6.82 5.03
C THR A 101 25.03 5.41 5.32
N ASP A 102 25.70 4.43 4.72
CA ASP A 102 25.43 3.00 4.88
C ASP A 102 23.97 2.68 4.58
N VAL A 103 23.62 2.72 3.31
CA VAL A 103 22.22 2.63 2.90
C VAL A 103 21.68 1.24 3.21
N LYS A 104 20.42 1.21 3.66
CA LYS A 104 19.74 -0.02 4.03
C LYS A 104 18.49 -0.17 3.17
N LEU A 105 17.96 -1.40 3.12
CA LEU A 105 16.80 -1.64 2.28
C LEU A 105 15.62 -0.76 2.70
N GLN A 106 15.49 -0.48 4.00
CA GLN A 106 14.40 0.36 4.49
C GLN A 106 14.50 1.79 4.00
N ASP A 107 15.68 2.22 3.54
CA ASP A 107 15.86 3.55 2.97
C ASP A 107 15.21 3.71 1.61
N ALA A 108 14.70 2.62 1.01
CA ALA A 108 14.04 2.70 -0.28
C ALA A 108 12.68 3.36 -0.15
N GLY A 109 12.37 4.25 -1.07
CA GLY A 109 11.06 4.85 -1.08
C GLY A 109 11.15 6.29 -1.55
N VAL A 110 10.11 7.04 -1.21
CA VAL A 110 9.92 8.41 -1.69
C VAL A 110 10.48 9.39 -0.66
N TYR A 111 11.28 10.35 -1.14
CA TYR A 111 11.87 11.40 -0.33
C TYR A 111 11.34 12.76 -0.78
N ARG A 112 11.23 13.68 0.17
CA ARG A 112 10.72 15.02 -0.08
C ARG A 112 11.74 16.03 0.42
N CYS A 113 12.11 17.00 -0.40
CA CYS A 113 12.85 18.14 0.07
C CYS A 113 11.93 19.35 0.03
N MET A 114 11.76 20.00 1.17
CA MET A 114 10.84 21.11 1.33
C MET A 114 11.67 22.34 1.65
N ILE A 115 11.51 23.38 0.85
CA ILE A 115 12.43 24.51 0.93
C ILE A 115 11.62 25.80 0.98
N SER A 116 11.88 26.59 2.01
CA SER A 116 11.33 27.94 2.11
C SER A 116 12.51 28.89 2.07
N TYR A 117 12.48 29.81 1.12
CA TYR A 117 13.50 30.83 0.94
C TYR A 117 12.89 31.96 0.15
N GLY A 118 12.13 32.83 0.81
CA GLY A 118 11.33 33.86 0.17
C GLY A 118 10.50 33.30 -0.98
N GLY A 119 9.50 32.50 -0.63
CA GLY A 119 8.93 31.56 -1.60
C GLY A 119 9.11 30.14 -1.08
N ALA A 120 8.35 29.20 -1.63
CA ALA A 120 8.31 27.85 -1.08
C ALA A 120 7.88 26.86 -2.14
N ASP A 121 8.42 25.66 -2.04
CA ASP A 121 8.17 24.57 -2.99
C ASP A 121 8.69 23.29 -2.35
N TYR A 122 8.42 22.16 -3.00
CA TYR A 122 8.99 20.89 -2.59
C TYR A 122 9.02 19.96 -3.79
N LYS A 123 9.96 19.03 -3.75
CA LYS A 123 10.08 18.02 -4.79
C LYS A 123 10.14 16.64 -4.18
N ARG A 124 9.78 15.65 -4.98
CA ARG A 124 9.90 14.25 -4.58
C ARG A 124 11.09 13.58 -5.26
N ILE A 125 11.77 12.71 -4.52
CA ILE A 125 12.83 11.89 -5.09
C ILE A 125 12.60 10.44 -4.67
N THR A 126 12.68 9.55 -5.64
CA THR A 126 12.50 8.12 -5.41
C THR A 126 13.87 7.45 -5.33
N VAL A 127 14.07 6.67 -4.26
CA VAL A 127 15.32 5.94 -4.04
C VAL A 127 15.02 4.45 -4.09
N LYS A 128 15.73 3.74 -4.96
CA LYS A 128 15.64 2.30 -5.06
C LYS A 128 16.92 1.67 -4.53
N VAL A 129 16.79 0.63 -3.71
CA VAL A 129 17.96 -0.02 -3.10
C VAL A 129 18.08 -1.45 -3.60
N ASN A 130 19.22 -1.74 -4.21
CA ASN A 130 19.61 -3.07 -4.63
C ASN A 130 20.38 -3.74 -3.50
N ALA A 131 20.09 -5.03 -3.27
CA ALA A 131 20.83 -5.71 -2.23
C ALA A 131 20.97 -7.20 -2.51
N PRO A 132 22.08 -7.83 -2.14
CA PRO A 132 22.21 -9.27 -2.33
C PRO A 132 21.41 -10.04 -1.29
N TYR A 133 21.40 -11.36 -1.49
CA TYR A 133 20.47 -12.22 -0.77
C TYR A 133 20.64 -12.14 0.74
N ALA A 134 21.90 -12.05 1.19
CA ALA A 134 22.16 -12.06 2.63
C ALA A 134 21.54 -10.84 3.30
N ALA A 135 21.75 -9.65 2.72
CA ALA A 135 21.10 -8.47 3.25
C ALA A 135 19.60 -8.59 3.14
N ALA A 136 19.12 -9.05 1.98
CA ALA A 136 17.68 -9.14 1.75
C ALA A 136 17.02 -10.10 2.71
N LEU A 137 17.68 -11.21 3.07
CA LEU A 137 17.05 -12.19 3.97
C LEU A 137 16.97 -11.63 5.39
N GLU A 138 17.99 -10.87 5.79
CA GLU A 138 17.96 -10.25 7.11
C GLU A 138 16.85 -9.20 7.19
N HIS A 139 16.70 -8.36 6.15
CA HIS A 139 15.59 -7.41 6.11
C HIS A 139 14.25 -8.13 6.09
N HIS A 140 14.21 -9.34 5.55
CA HIS A 140 12.99 -10.13 5.53
C HIS A 140 12.41 -10.36 6.92
N HIS A 141 13.15 -10.01 7.97
CA HIS A 141 12.59 -9.86 9.32
C HIS A 141 13.24 -8.71 10.11
N ALA B 17 9.57 28.46 17.99
CA ALA B 17 9.50 29.03 16.65
C ALA B 17 8.08 28.96 16.05
N PHE B 18 8.02 28.79 14.74
CA PHE B 18 6.78 28.83 13.99
C PHE B 18 6.22 27.42 13.84
N THR B 19 4.96 27.23 14.23
CA THR B 19 4.35 25.92 14.31
C THR B 19 2.95 25.93 13.71
N VAL B 20 2.71 25.03 12.76
CA VAL B 20 1.35 24.77 12.32
C VAL B 20 0.72 23.73 13.25
N THR B 21 -0.46 24.02 13.76
CA THR B 21 -1.12 23.07 14.63
C THR B 21 -2.41 22.62 13.97
N VAL B 22 -2.77 21.37 14.24
CA VAL B 22 -4.05 20.81 13.84
C VAL B 22 -4.78 20.34 15.10
N PRO B 23 -5.73 21.13 15.62
CA PRO B 23 -6.51 20.63 16.77
C PRO B 23 -7.25 19.35 16.46
N LYS B 24 -7.84 19.25 15.28
CA LYS B 24 -8.55 18.03 14.86
C LYS B 24 -7.66 17.28 13.85
N ASP B 25 -7.23 16.09 14.26
CA ASP B 25 -6.33 15.23 13.50
C ASP B 25 -7.08 14.35 12.51
N LEU B 26 -8.34 14.07 12.79
CA LEU B 26 -9.10 13.01 12.16
C LEU B 26 -10.45 13.59 11.79
N TYR B 27 -10.88 13.43 10.54
CA TYR B 27 -12.22 13.82 10.12
C TYR B 27 -12.94 12.57 9.61
N VAL B 28 -14.18 12.39 10.04
CA VAL B 28 -15.02 11.28 9.59
C VAL B 28 -16.22 11.91 8.89
N VAL B 29 -16.31 11.72 7.57
CA VAL B 29 -17.26 12.43 6.74
C VAL B 29 -18.12 11.44 5.97
N GLU B 30 -19.39 11.80 5.78
CA GLU B 30 -20.30 11.01 4.96
C GLU B 30 -20.13 11.32 3.48
N TYR B 31 -20.29 10.30 2.66
CA TYR B 31 -20.31 10.47 1.22
C TYR B 31 -21.35 11.52 0.82
N GLY B 32 -20.92 12.47 -0.01
CA GLY B 32 -21.80 13.49 -0.52
C GLY B 32 -21.93 14.72 0.37
N SER B 33 -21.39 14.69 1.58
CA SER B 33 -21.57 15.84 2.47
C SER B 33 -20.45 16.86 2.22
N ASN B 34 -20.27 17.78 3.17
CA ASN B 34 -19.22 18.78 3.12
C ASN B 34 -18.27 18.56 4.29
N MET B 35 -17.02 18.98 4.11
CA MET B 35 -16.06 18.96 5.19
C MET B 35 -15.21 20.21 5.11
N THR B 36 -14.82 20.72 6.28
CA THR B 36 -13.87 21.81 6.35
C THR B 36 -12.78 21.34 7.30
N ILE B 37 -11.58 21.11 6.77
CA ILE B 37 -10.44 20.72 7.57
C ILE B 37 -9.54 21.93 7.72
N GLU B 38 -8.91 22.03 8.89
CA GLU B 38 -8.33 23.28 9.37
C GLU B 38 -6.92 23.06 9.90
N CYS B 39 -6.09 24.10 9.70
CA CYS B 39 -4.75 24.20 10.24
C CYS B 39 -4.57 25.60 10.81
N LYS B 40 -3.95 25.70 11.97
CA LYS B 40 -3.69 26.98 12.61
C LYS B 40 -2.23 27.36 12.42
N PHE B 41 -1.98 28.67 12.40
CA PHE B 41 -0.62 29.18 12.32
C PHE B 41 -0.59 30.55 12.98
N PRO B 42 0.50 30.90 13.66
CA PRO B 42 0.49 32.12 14.49
C PRO B 42 0.49 33.38 13.64
N VAL B 43 -0.48 34.24 13.88
CA VAL B 43 -0.55 35.57 13.33
C VAL B 43 -0.49 36.52 14.51
N GLU B 44 0.61 37.26 14.64
CA GLU B 44 0.84 38.08 15.82
C GLU B 44 -0.03 39.33 15.80
N LYS B 45 0.07 40.12 14.73
CA LYS B 45 -0.76 41.33 14.58
C LYS B 45 -1.68 41.16 13.38
N GLN B 46 -1.78 42.20 12.54
CA GLN B 46 -2.49 42.06 11.27
C GLN B 46 -1.77 41.04 10.37
N LEU B 47 -2.52 40.48 9.42
CA LEU B 47 -1.99 39.47 8.52
C LEU B 47 -1.32 40.13 7.32
N ASP B 48 -0.08 39.72 7.05
CA ASP B 48 0.69 40.19 5.90
C ASP B 48 0.60 39.13 4.80
N LEU B 49 -0.25 39.38 3.80
CA LEU B 49 -0.50 38.42 2.73
C LEU B 49 0.73 38.22 1.83
N ALA B 50 1.61 39.22 1.75
CA ALA B 50 2.72 39.12 0.82
C ALA B 50 3.73 38.06 1.22
N ALA B 51 3.85 37.78 2.53
CA ALA B 51 4.78 36.80 3.06
C ALA B 51 4.11 35.46 3.34
N LEU B 52 2.84 35.30 3.00
CA LEU B 52 2.08 34.10 3.31
C LEU B 52 2.00 33.21 2.08
N ILE B 53 2.31 31.92 2.28
CA ILE B 53 2.12 30.88 1.29
C ILE B 53 1.40 29.72 1.96
N VAL B 54 0.26 29.31 1.41
CA VAL B 54 -0.51 28.20 1.95
C VAL B 54 -0.68 27.16 0.86
N TYR B 55 -0.13 25.98 1.07
CA TYR B 55 -0.26 24.87 0.14
C TYR B 55 -1.04 23.74 0.81
N TRP B 56 -2.06 23.22 0.14
CA TRP B 56 -2.79 22.05 0.61
C TRP B 56 -2.66 20.94 -0.43
N GLU B 57 -2.43 19.72 0.05
CA GLU B 57 -2.41 18.57 -0.83
C GLU B 57 -2.93 17.35 -0.08
N MET B 58 -3.24 16.31 -0.87
CA MET B 58 -3.44 14.95 -0.36
C MET B 58 -2.78 14.00 -1.36
N GLU B 59 -1.90 13.15 -0.85
CA GLU B 59 -1.30 12.07 -1.63
C GLU B 59 -0.63 12.59 -2.91
N ASP B 60 0.10 13.69 -2.77
CA ASP B 60 0.84 14.35 -3.84
C ASP B 60 -0.05 15.13 -4.81
N LYS B 61 -1.35 15.10 -4.66
CA LYS B 61 -2.24 15.80 -5.56
C LYS B 61 -2.52 17.19 -5.01
N ASN B 62 -2.34 18.21 -5.86
CA ASN B 62 -2.48 19.60 -5.45
C ASN B 62 -3.95 19.99 -5.34
N ILE B 63 -4.28 20.64 -4.22
CA ILE B 63 -5.60 21.19 -3.98
C ILE B 63 -5.58 22.71 -3.94
N ILE B 64 -4.63 23.28 -3.18
CA ILE B 64 -4.63 24.72 -2.95
C ILE B 64 -3.21 25.22 -3.12
N GLN B 65 -3.08 26.38 -3.76
CA GLN B 65 -1.79 27.02 -4.01
C GLN B 65 -2.01 28.52 -3.84
N PHE B 66 -1.72 29.03 -2.66
CA PHE B 66 -2.07 30.39 -2.24
C PHE B 66 -0.79 31.19 -2.05
N VAL B 67 -0.47 32.05 -3.01
CA VAL B 67 0.72 32.87 -2.96
C VAL B 67 0.32 34.31 -3.20
N HIS B 68 0.98 35.23 -2.48
CA HIS B 68 0.75 36.66 -2.64
C HIS B 68 -0.73 36.99 -2.59
N GLY B 69 -1.45 36.27 -1.72
CA GLY B 69 -2.84 36.54 -1.50
C GLY B 69 -3.85 35.93 -2.47
N GLU B 70 -3.45 35.07 -3.42
CA GLU B 70 -4.42 34.55 -4.37
C GLU B 70 -4.22 33.08 -4.75
N GLU B 71 -5.34 32.39 -4.99
CA GLU B 71 -5.35 31.05 -5.55
C GLU B 71 -4.77 31.01 -6.96
N ASP B 72 -4.05 29.94 -7.28
CA ASP B 72 -3.60 29.61 -8.63
C ASP B 72 -4.09 28.22 -9.01
N LEU B 73 -5.02 28.15 -9.96
CA LEU B 73 -5.64 26.89 -10.38
C LEU B 73 -4.90 26.24 -11.56
N LYS B 74 -3.58 26.38 -11.61
CA LYS B 74 -2.83 25.84 -12.75
C LYS B 74 -2.53 24.36 -12.56
N VAL B 75 -2.13 23.99 -11.35
CA VAL B 75 -1.83 22.60 -11.05
C VAL B 75 -2.82 22.01 -10.06
N GLN B 76 -3.99 22.64 -9.88
CA GLN B 76 -5.05 22.03 -9.08
C GLN B 76 -5.56 20.76 -9.76
N HIS B 77 -5.47 19.65 -9.05
CA HIS B 77 -5.80 18.34 -9.60
C HIS B 77 -7.25 18.30 -10.08
N SER B 78 -7.48 17.50 -11.15
CA SER B 78 -8.81 17.42 -11.76
C SER B 78 -9.91 17.19 -10.72
N SER B 79 -9.70 16.21 -9.84
CA SER B 79 -10.79 15.75 -8.99
C SER B 79 -11.17 16.77 -7.92
N TYR B 80 -10.46 17.89 -7.82
CA TYR B 80 -10.83 18.92 -6.86
C TYR B 80 -11.26 20.23 -7.51
N ARG B 81 -11.46 20.26 -8.83
CA ARG B 81 -11.92 21.47 -9.47
C ARG B 81 -13.36 21.76 -9.04
N GLN B 82 -13.60 22.99 -8.58
CA GLN B 82 -14.89 23.51 -8.13
C GLN B 82 -15.45 22.80 -6.90
N ARG B 83 -14.68 21.93 -6.24
CA ARG B 83 -15.10 21.31 -4.99
C ARG B 83 -14.35 21.85 -3.77
N ALA B 84 -13.24 22.53 -3.97
CA ALA B 84 -12.33 22.88 -2.90
C ALA B 84 -11.97 24.36 -2.98
N ARG B 85 -11.84 24.98 -1.82
CA ARG B 85 -11.51 26.39 -1.75
C ARG B 85 -10.85 26.67 -0.42
N LEU B 86 -9.93 27.62 -0.43
CA LEU B 86 -9.36 28.18 0.79
C LEU B 86 -10.22 29.36 1.25
N LEU B 87 -10.68 29.31 2.50
CA LEU B 87 -11.51 30.37 3.06
C LEU B 87 -10.61 31.56 3.41
N LYS B 88 -10.40 32.45 2.44
CA LYS B 88 -9.48 33.57 2.59
C LYS B 88 -9.73 34.34 3.89
N ASP B 89 -10.98 34.47 4.31
CA ASP B 89 -11.30 35.28 5.49
C ASP B 89 -10.84 34.66 6.81
N GLN B 90 -10.65 33.33 6.86
CA GLN B 90 -10.09 32.70 8.06
C GLN B 90 -8.60 32.97 8.23
N LEU B 91 -7.90 33.31 7.14
CA LEU B 91 -6.45 33.47 7.18
C LEU B 91 -6.02 34.58 8.13
N SER B 92 -6.82 35.63 8.27
CA SER B 92 -6.43 36.72 9.17
C SER B 92 -6.49 36.31 10.63
N LEU B 93 -7.28 35.30 10.97
CA LEU B 93 -7.32 34.75 12.33
C LEU B 93 -6.32 33.60 12.53
N GLY B 94 -5.43 33.37 11.57
CA GLY B 94 -4.49 32.28 11.70
C GLY B 94 -5.10 30.89 11.53
N ASN B 95 -6.08 30.76 10.64
CA ASN B 95 -6.73 29.49 10.34
C ASN B 95 -6.72 29.29 8.83
N ALA B 96 -5.91 28.34 8.35
CA ALA B 96 -5.98 27.88 6.97
C ALA B 96 -7.06 26.81 6.89
N ALA B 97 -8.22 27.17 6.36
CA ALA B 97 -9.41 26.32 6.35
C ALA B 97 -9.69 25.87 4.92
N LEU B 98 -9.55 24.56 4.68
CA LEU B 98 -9.79 23.96 3.36
C LEU B 98 -11.21 23.38 3.34
N GLN B 99 -12.11 24.03 2.59
CA GLN B 99 -13.50 23.61 2.51
C GLN B 99 -13.71 22.78 1.26
N ILE B 100 -14.25 21.56 1.42
CA ILE B 100 -14.44 20.62 0.33
C ILE B 100 -15.91 20.21 0.30
N THR B 101 -16.54 20.36 -0.87
CA THR B 101 -17.93 19.99 -1.03
C THR B 101 -18.06 18.68 -1.81
N ASP B 102 -19.22 18.05 -1.63
CA ASP B 102 -19.59 16.84 -2.37
C ASP B 102 -18.54 15.74 -2.21
N VAL B 103 -18.21 15.45 -0.95
CA VAL B 103 -17.14 14.52 -0.62
C VAL B 103 -17.35 13.17 -1.28
N LYS B 104 -16.29 12.62 -1.85
CA LYS B 104 -16.29 11.30 -2.45
C LYS B 104 -15.43 10.34 -1.65
N LEU B 105 -15.59 9.06 -1.97
CA LEU B 105 -14.73 8.04 -1.38
C LEU B 105 -13.26 8.29 -1.72
N GLN B 106 -12.96 8.80 -2.91
CA GLN B 106 -11.58 9.08 -3.27
C GLN B 106 -10.95 10.17 -2.42
N ASP B 107 -11.73 10.91 -1.62
CA ASP B 107 -11.15 11.92 -0.74
C ASP B 107 -10.58 11.34 0.54
N ALA B 108 -10.85 10.07 0.85
CA ALA B 108 -10.32 9.50 2.07
C ALA B 108 -8.80 9.40 1.96
N GLY B 109 -8.12 9.65 3.07
CA GLY B 109 -6.67 9.54 3.10
C GLY B 109 -6.04 10.72 3.82
N VAL B 110 -4.75 10.88 3.60
CA VAL B 110 -3.93 11.84 4.33
C VAL B 110 -3.85 13.13 3.53
N TYR B 111 -4.09 14.25 4.21
CA TYR B 111 -3.95 15.59 3.66
C TYR B 111 -2.81 16.27 4.39
N ARG B 112 -2.32 17.31 3.77
CA ARG B 112 -1.27 18.10 4.33
C ARG B 112 -1.40 19.58 4.09
N CYS B 113 -1.30 20.33 5.16
CA CYS B 113 -1.24 21.79 5.04
C CYS B 113 0.21 22.22 5.27
N MET B 114 0.77 22.90 4.29
CA MET B 114 2.13 23.42 4.39
C MET B 114 2.03 24.94 4.38
N ILE B 115 2.58 25.59 5.40
CA ILE B 115 2.42 27.02 5.59
C ILE B 115 3.79 27.65 5.77
N SER B 116 4.02 28.76 5.08
CA SER B 116 5.25 29.54 5.16
C SER B 116 4.84 30.96 5.50
N TYR B 117 5.24 31.41 6.69
CA TYR B 117 4.81 32.72 7.20
C TYR B 117 5.88 33.19 8.20
N GLY B 118 7.01 33.67 7.66
CA GLY B 118 8.17 34.00 8.46
C GLY B 118 8.57 32.81 9.31
N GLY B 119 8.95 31.72 8.65
CA GLY B 119 8.94 30.41 9.27
C GLY B 119 8.09 29.48 8.43
N ALA B 120 8.19 28.17 8.63
CA ALA B 120 7.46 27.25 7.78
C ALA B 120 7.27 25.92 8.48
N ASP B 121 6.09 25.35 8.32
CA ASP B 121 5.80 24.06 8.94
C ASP B 121 4.65 23.43 8.17
N TYR B 122 4.45 22.13 8.41
CA TYR B 122 3.28 21.45 7.89
C TYR B 122 2.81 20.43 8.91
N LYS B 123 1.55 20.03 8.74
CA LYS B 123 0.89 19.00 9.53
C LYS B 123 0.09 18.11 8.59
N ARG B 124 -0.33 16.94 9.07
CA ARG B 124 -1.28 16.12 8.32
C ARG B 124 -2.59 15.96 9.04
N ILE B 125 -3.58 15.64 8.23
CA ILE B 125 -4.92 15.37 8.68
C ILE B 125 -5.36 14.10 7.97
N THR B 126 -6.08 13.25 8.67
CA THR B 126 -6.57 12.00 8.12
C THR B 126 -8.08 12.12 7.93
N VAL B 127 -8.53 11.86 6.70
CA VAL B 127 -9.94 11.84 6.38
C VAL B 127 -10.40 10.41 6.12
N LYS B 128 -11.51 10.06 6.74
CA LYS B 128 -12.19 8.80 6.53
C LYS B 128 -13.56 9.13 5.97
N VAL B 129 -13.97 8.43 4.91
CA VAL B 129 -15.28 8.66 4.31
C VAL B 129 -16.16 7.42 4.49
N ASN B 130 -17.29 7.57 5.20
CA ASN B 130 -18.37 6.59 5.23
C ASN B 130 -19.23 6.74 3.99
N ALA B 131 -19.69 5.60 3.45
CA ALA B 131 -20.57 5.60 2.31
C ALA B 131 -21.44 4.36 2.26
N PRO B 132 -22.65 4.51 1.87
CA PRO B 132 -23.49 3.38 1.45
C PRO B 132 -22.94 2.62 0.25
N TYR B 133 -23.67 1.54 -0.06
CA TYR B 133 -23.19 0.49 -0.92
C TYR B 133 -23.13 0.93 -2.38
N ALA B 134 -24.17 1.61 -2.87
CA ALA B 134 -24.20 2.06 -4.26
C ALA B 134 -22.98 2.93 -4.58
N ALA B 135 -22.70 3.93 -3.76
CA ALA B 135 -21.49 4.72 -3.98
C ALA B 135 -20.25 3.84 -3.83
N ALA B 136 -20.26 2.93 -2.86
CA ALA B 136 -19.09 2.08 -2.67
C ALA B 136 -18.89 1.13 -3.84
N LEU B 137 -20.00 0.65 -4.45
CA LEU B 137 -19.88 -0.24 -5.59
C LEU B 137 -19.24 0.47 -6.79
N GLU B 138 -19.72 1.68 -7.10
CA GLU B 138 -19.18 2.41 -8.24
C GLU B 138 -17.68 2.67 -8.06
N HIS B 139 -17.25 2.86 -6.81
CA HIS B 139 -15.84 3.05 -6.46
C HIS B 139 -15.30 1.72 -5.95
N HIS B 140 -14.99 0.82 -6.90
CA HIS B 140 -14.49 -0.52 -6.56
C HIS B 140 -13.97 -1.23 -7.82
N ALA C 17 -1.50 -34.82 7.37
CA ALA C 17 -2.22 -33.77 6.66
C ALA C 17 -1.43 -33.26 5.46
N PHE C 18 -2.15 -32.86 4.43
CA PHE C 18 -1.54 -32.38 3.20
C PHE C 18 -0.88 -31.01 3.41
N THR C 19 0.45 -30.97 3.27
CA THR C 19 1.27 -29.81 3.58
C THR C 19 2.02 -29.37 2.33
N VAL C 20 1.60 -28.25 1.73
CA VAL C 20 2.43 -27.64 0.69
C VAL C 20 3.64 -27.01 1.37
N THR C 21 4.82 -27.21 0.79
CA THR C 21 6.05 -26.79 1.42
C THR C 21 6.90 -25.98 0.44
N VAL C 22 7.79 -25.18 0.98
CA VAL C 22 8.54 -24.26 0.15
C VAL C 22 10.00 -24.23 0.62
N PRO C 23 10.96 -24.56 -0.24
CA PRO C 23 12.36 -24.64 0.24
C PRO C 23 12.97 -23.28 0.49
N LYS C 24 12.71 -22.34 -0.42
CA LYS C 24 13.00 -20.93 -0.25
C LYS C 24 11.66 -20.21 -0.26
N ASP C 25 11.39 -19.39 0.76
CA ASP C 25 10.27 -18.48 0.67
C ASP C 25 10.70 -17.08 0.26
N LEU C 26 11.99 -16.88 -0.04
CA LEU C 26 12.53 -15.60 -0.47
C LEU C 26 13.48 -15.83 -1.64
N TYR C 27 13.19 -15.16 -2.76
CA TYR C 27 14.07 -15.15 -3.92
C TYR C 27 14.49 -13.70 -4.21
N VAL C 28 15.78 -13.51 -4.47
CA VAL C 28 16.35 -12.23 -4.88
C VAL C 28 16.97 -12.45 -6.24
N VAL C 29 16.46 -11.74 -7.27
CA VAL C 29 16.86 -12.00 -8.65
C VAL C 29 17.20 -10.71 -9.35
N GLU C 30 18.12 -10.80 -10.30
CA GLU C 30 18.51 -9.64 -11.09
CA GLU C 30 18.51 -9.64 -11.08
C GLU C 30 17.54 -9.43 -12.24
N TYR C 31 17.25 -8.16 -12.53
CA TYR C 31 16.48 -7.83 -13.72
C TYR C 31 17.09 -8.52 -14.93
N GLY C 32 16.24 -9.11 -15.76
CA GLY C 32 16.68 -9.73 -16.99
C GLY C 32 17.04 -11.20 -16.90
N SER C 33 17.15 -11.76 -15.70
CA SER C 33 17.51 -13.18 -15.56
C SER C 33 16.24 -14.03 -15.66
N ASN C 34 16.37 -15.33 -15.41
CA ASN C 34 15.22 -16.22 -15.31
C ASN C 34 15.18 -16.80 -13.90
N MET C 35 13.98 -17.03 -13.40
CA MET C 35 13.81 -17.59 -12.06
C MET C 35 12.85 -18.77 -12.12
N THR C 36 13.10 -19.72 -11.24
CA THR C 36 12.21 -20.85 -11.03
C THR C 36 11.86 -20.91 -9.55
N ILE C 37 10.58 -20.71 -9.21
CA ILE C 37 10.10 -20.76 -7.84
C ILE C 37 9.49 -22.13 -7.57
N GLU C 38 9.89 -22.78 -6.48
CA GLU C 38 9.53 -24.17 -6.23
C GLU C 38 8.46 -24.27 -5.15
N CYS C 39 7.49 -25.16 -5.37
CA CYS C 39 6.54 -25.56 -4.35
C CYS C 39 6.43 -27.06 -4.39
N LYS C 40 6.54 -27.69 -3.23
CA LYS C 40 6.58 -29.13 -3.13
C LYS C 40 5.33 -29.60 -2.40
N PHE C 41 4.79 -30.72 -2.87
CA PHE C 41 3.62 -31.33 -2.29
C PHE C 41 3.84 -32.84 -2.29
N PRO C 42 3.31 -33.54 -1.30
CA PRO C 42 3.60 -34.98 -1.18
C PRO C 42 3.03 -35.75 -2.36
N VAL C 43 3.86 -36.61 -2.96
CA VAL C 43 3.41 -37.62 -3.92
C VAL C 43 3.93 -38.98 -3.45
N GLU C 44 3.03 -39.80 -2.89
CA GLU C 44 3.43 -41.06 -2.25
C GLU C 44 3.52 -42.20 -3.26
N LYS C 45 2.44 -42.46 -4.00
CA LYS C 45 2.45 -43.49 -5.02
C LYS C 45 2.79 -42.85 -6.35
N GLN C 46 2.19 -43.32 -7.44
CA GLN C 46 2.31 -42.62 -8.72
C GLN C 46 1.40 -41.40 -8.76
N LEU C 47 1.81 -40.39 -9.54
CA LEU C 47 1.04 -39.16 -9.67
C LEU C 47 -0.30 -39.46 -10.35
N ASP C 48 -1.39 -39.03 -9.72
CA ASP C 48 -2.71 -39.11 -10.36
C ASP C 48 -3.01 -37.69 -10.86
N LEU C 49 -2.82 -37.49 -12.17
CA LEU C 49 -2.87 -36.15 -12.71
C LEU C 49 -4.29 -35.59 -12.72
N ALA C 50 -5.29 -36.47 -12.78
CA ALA C 50 -6.68 -36.04 -12.76
C ALA C 50 -7.05 -35.37 -11.45
N ALA C 51 -6.43 -35.77 -10.35
CA ALA C 51 -6.75 -35.18 -9.05
C ALA C 51 -5.86 -33.99 -8.69
N LEU C 52 -4.99 -33.53 -9.59
CA LEU C 52 -4.06 -32.45 -9.25
C LEU C 52 -4.60 -31.11 -9.75
N ILE C 53 -4.57 -30.09 -8.88
CA ILE C 53 -4.88 -28.72 -9.27
C ILE C 53 -3.76 -27.80 -8.79
N VAL C 54 -3.17 -27.02 -9.69
CA VAL C 54 -2.14 -26.06 -9.31
C VAL C 54 -2.55 -24.66 -9.81
N TYR C 55 -2.69 -23.70 -8.87
CA TYR C 55 -2.80 -22.26 -9.19
C TYR C 55 -1.52 -21.56 -8.75
N TRP C 56 -0.95 -20.73 -9.63
CA TRP C 56 0.11 -19.80 -9.27
C TRP C 56 -0.40 -18.38 -9.48
N GLU C 57 -0.29 -17.54 -8.45
CA GLU C 57 -0.79 -16.20 -8.58
C GLU C 57 0.12 -15.20 -7.89
N MET C 58 0.08 -13.97 -8.40
CA MET C 58 0.89 -12.88 -7.88
C MET C 58 -0.05 -11.73 -7.58
N GLU C 59 -0.21 -11.41 -6.29
CA GLU C 59 -1.09 -10.33 -5.85
C GLU C 59 -2.43 -10.34 -6.58
N ASP C 60 -3.02 -11.52 -6.78
CA ASP C 60 -4.36 -11.73 -7.35
C ASP C 60 -4.43 -11.66 -8.88
N LYS C 61 -3.30 -11.50 -9.55
CA LYS C 61 -3.20 -11.82 -10.97
C LYS C 61 -2.84 -13.29 -11.09
N ASN C 62 -3.62 -14.06 -11.85
CA ASN C 62 -3.38 -15.48 -11.98
C ASN C 62 -2.40 -15.75 -13.12
N ILE C 63 -1.43 -16.62 -12.85
CA ILE C 63 -0.33 -16.92 -13.76
C ILE C 63 -0.48 -18.31 -14.37
N ILE C 64 -0.87 -19.28 -13.56
CA ILE C 64 -1.12 -20.62 -14.04
C ILE C 64 -2.43 -21.08 -13.42
N GLN C 65 -3.28 -21.70 -14.23
CA GLN C 65 -4.36 -22.52 -13.72
C GLN C 65 -4.20 -23.85 -14.44
N PHE C 66 -3.72 -24.84 -13.71
CA PHE C 66 -3.43 -26.18 -14.21
C PHE C 66 -4.42 -27.12 -13.54
N VAL C 67 -5.38 -27.65 -14.30
CA VAL C 67 -6.43 -28.51 -13.77
C VAL C 67 -6.47 -29.80 -14.59
N HIS C 68 -6.25 -30.94 -13.93
CA HIS C 68 -6.36 -32.25 -14.57
C HIS C 68 -5.44 -32.36 -15.78
N GLY C 69 -4.26 -31.74 -15.70
CA GLY C 69 -3.29 -31.83 -16.78
C GLY C 69 -3.39 -30.75 -17.83
N GLU C 70 -4.38 -29.86 -17.74
CA GLU C 70 -4.64 -28.87 -18.77
C GLU C 70 -4.32 -27.48 -18.22
N GLU C 71 -3.37 -26.79 -18.85
CA GLU C 71 -3.06 -25.43 -18.45
C GLU C 71 -4.12 -24.50 -19.01
N ASP C 72 -4.87 -23.90 -18.11
CA ASP C 72 -5.94 -22.97 -18.45
C ASP C 72 -5.33 -21.64 -18.87
N LEU C 73 -5.60 -21.23 -20.11
CA LEU C 73 -5.11 -19.98 -20.67
C LEU C 73 -6.26 -19.00 -20.82
N LYS C 74 -7.23 -19.08 -19.91
CA LYS C 74 -8.31 -18.10 -19.88
C LYS C 74 -7.91 -16.86 -19.12
N VAL C 75 -7.13 -17.01 -18.06
CA VAL C 75 -7.00 -15.93 -17.09
C VAL C 75 -5.54 -15.65 -16.81
N GLN C 76 -4.68 -16.05 -17.71
CA GLN C 76 -3.28 -15.71 -17.53
C GLN C 76 -3.11 -14.23 -17.86
N HIS C 77 -2.64 -13.42 -16.89
CA HIS C 77 -2.48 -11.97 -17.06
C HIS C 77 -1.63 -11.66 -18.30
N SER C 78 -1.95 -10.59 -19.01
CA SER C 78 -1.10 -10.21 -20.13
C SER C 78 0.37 -10.07 -19.72
N SER C 79 0.61 -9.67 -18.46
CA SER C 79 1.96 -9.46 -17.95
C SER C 79 2.80 -10.72 -17.91
N TYR C 80 2.17 -11.86 -17.85
CA TYR C 80 2.92 -13.09 -17.73
C TYR C 80 2.74 -14.03 -18.91
N ARG C 81 1.66 -13.89 -19.69
CA ARG C 81 1.62 -14.62 -20.96
C ARG C 81 2.83 -14.23 -21.77
N GLN C 82 3.43 -15.22 -22.45
CA GLN C 82 4.66 -15.04 -23.19
C GLN C 82 5.91 -15.24 -22.32
N ARG C 83 5.80 -15.22 -20.97
CA ARG C 83 6.99 -15.35 -20.12
C ARG C 83 6.93 -16.35 -18.97
N ALA C 84 5.76 -16.89 -18.61
CA ALA C 84 5.68 -17.81 -17.47
C ALA C 84 5.19 -19.18 -17.90
N ARG C 85 5.67 -20.20 -17.21
CA ARG C 85 5.23 -21.57 -17.45
C ARG C 85 5.40 -22.37 -16.17
N LEU C 86 4.57 -23.42 -16.04
CA LEU C 86 4.71 -24.45 -15.01
C LEU C 86 5.60 -25.58 -15.53
N LEU C 87 6.54 -26.04 -14.72
CA LEU C 87 7.42 -27.16 -15.12
C LEU C 87 6.73 -28.51 -14.90
N LYS C 88 6.15 -29.03 -15.98
CA LYS C 88 5.39 -30.28 -15.93
C LYS C 88 6.25 -31.49 -15.58
N ASP C 89 7.55 -31.43 -15.88
CA ASP C 89 8.43 -32.56 -15.60
C ASP C 89 8.48 -32.90 -14.11
N GLN C 90 8.40 -31.90 -13.24
CA GLN C 90 8.59 -32.14 -11.82
C GLN C 90 7.30 -32.53 -11.09
N LEU C 91 6.16 -32.64 -11.79
CA LEU C 91 4.90 -32.85 -11.11
C LEU C 91 4.88 -34.22 -10.42
N SER C 92 5.34 -35.27 -11.11
CA SER C 92 5.29 -36.57 -10.45
C SER C 92 6.39 -36.76 -9.42
N LEU C 93 7.35 -35.84 -9.35
CA LEU C 93 8.30 -35.79 -8.24
C LEU C 93 7.79 -34.99 -7.06
N GLY C 94 6.54 -34.52 -7.12
CA GLY C 94 6.01 -33.66 -6.07
C GLY C 94 6.51 -32.24 -6.07
N ASN C 95 6.84 -31.68 -7.24
CA ASN C 95 7.35 -30.31 -7.33
C ASN C 95 6.51 -29.58 -8.36
N ALA C 96 5.86 -28.50 -7.94
CA ALA C 96 5.14 -27.60 -8.83
C ALA C 96 5.98 -26.32 -8.94
N ALA C 97 6.72 -26.20 -10.02
CA ALA C 97 7.73 -25.15 -10.18
C ALA C 97 7.26 -24.14 -11.21
N LEU C 98 7.21 -22.87 -10.81
CA LEU C 98 6.86 -21.77 -11.71
C LEU C 98 8.17 -21.22 -12.28
N GLN C 99 8.29 -21.20 -13.59
CA GLN C 99 9.44 -20.55 -14.22
C GLN C 99 9.01 -19.27 -14.90
N ILE C 100 9.72 -18.18 -14.59
CA ILE C 100 9.50 -16.89 -15.24
C ILE C 100 10.81 -16.47 -15.90
N THR C 101 10.79 -16.30 -17.21
CA THR C 101 11.96 -15.92 -18.00
C THR C 101 12.02 -14.41 -18.19
N ASP C 102 13.23 -13.85 -18.15
CA ASP C 102 13.50 -12.42 -18.39
C ASP C 102 12.75 -11.57 -17.37
N VAL C 103 13.23 -11.65 -16.14
CA VAL C 103 12.53 -11.05 -15.02
C VAL C 103 12.52 -9.53 -15.16
N LYS C 104 11.38 -8.94 -14.88
CA LYS C 104 11.19 -7.50 -14.88
C LYS C 104 10.90 -7.04 -13.45
N LEU C 105 11.03 -5.72 -13.26
CA LEU C 105 10.78 -5.15 -11.94
C LEU C 105 9.33 -5.33 -11.52
N GLN C 106 8.41 -5.34 -12.51
CA GLN C 106 7.02 -5.71 -12.23
C GLN C 106 6.89 -7.07 -11.56
N ASP C 107 7.84 -7.97 -11.78
CA ASP C 107 7.63 -9.29 -11.17
C ASP C 107 7.82 -9.28 -9.66
N ALA C 108 8.28 -8.20 -9.04
CA ALA C 108 8.56 -8.26 -7.61
C ALA C 108 7.26 -8.26 -6.83
N GLY C 109 7.22 -9.03 -5.74
CA GLY C 109 6.07 -9.06 -4.87
C GLY C 109 5.84 -10.47 -4.32
N VAL C 110 4.66 -10.68 -3.74
CA VAL C 110 4.36 -11.95 -3.09
C VAL C 110 3.62 -12.86 -4.07
N TYR C 111 4.11 -14.08 -4.21
CA TYR C 111 3.46 -15.08 -5.06
C TYR C 111 2.77 -16.11 -4.16
N ARG C 112 1.74 -16.75 -4.69
CA ARG C 112 1.12 -17.88 -4.01
C ARG C 112 1.04 -19.06 -4.94
N CYS C 113 1.44 -20.22 -4.43
CA CYS C 113 1.19 -21.48 -5.10
C CYS C 113 0.12 -22.18 -4.30
N MET C 114 -1.01 -22.46 -4.95
CA MET C 114 -2.11 -23.15 -4.31
C MET C 114 -2.26 -24.49 -4.99
N ILE C 115 -2.34 -25.55 -4.18
CA ILE C 115 -2.29 -26.93 -4.66
C ILE C 115 -3.40 -27.74 -4.00
N SER C 116 -4.22 -28.40 -4.83
CA SER C 116 -5.24 -29.33 -4.38
C SER C 116 -4.83 -30.70 -4.94
N TYR C 117 -4.47 -31.61 -4.06
CA TYR C 117 -4.08 -32.97 -4.46
C TYR C 117 -4.46 -33.86 -3.28
N GLY C 118 -5.74 -34.24 -3.26
CA GLY C 118 -6.31 -34.99 -2.14
C GLY C 118 -6.03 -34.26 -0.85
N GLY C 119 -6.73 -33.16 -0.62
CA GLY C 119 -6.29 -32.16 0.33
C GLY C 119 -5.98 -30.85 -0.39
N ALA C 120 -5.68 -29.83 0.41
CA ALA C 120 -5.40 -28.51 -0.14
C ALA C 120 -4.54 -27.72 0.82
N ASP C 121 -3.62 -26.94 0.26
CA ASP C 121 -2.74 -26.06 1.01
C ASP C 121 -2.18 -25.02 0.04
N TYR C 122 -1.56 -23.99 0.60
CA TYR C 122 -0.90 -23.00 -0.22
C TYR C 122 0.24 -22.39 0.57
N LYS C 123 1.19 -21.82 -0.16
CA LYS C 123 2.33 -21.14 0.42
C LYS C 123 2.57 -19.84 -0.30
N ARG C 124 3.08 -18.87 0.44
CA ARG C 124 3.51 -17.60 -0.11
C ARG C 124 5.02 -17.60 -0.33
N ILE C 125 5.45 -16.82 -1.32
CA ILE C 125 6.87 -16.66 -1.62
C ILE C 125 7.07 -15.19 -2.02
N THR C 126 8.08 -14.56 -1.44
CA THR C 126 8.39 -13.18 -1.73
C THR C 126 9.52 -13.11 -2.75
N VAL C 127 9.35 -12.28 -3.76
CA VAL C 127 10.35 -12.09 -4.83
C VAL C 127 10.81 -10.62 -4.85
N LYS C 128 12.11 -10.41 -4.69
CA LYS C 128 12.75 -9.10 -4.80
C LYS C 128 13.54 -9.08 -6.11
N VAL C 129 13.45 -7.97 -6.85
CA VAL C 129 14.15 -7.81 -8.11
C VAL C 129 15.14 -6.66 -7.97
N ASN C 130 16.43 -6.95 -8.14
CA ASN C 130 17.44 -5.92 -8.31
C ASN C 130 17.53 -5.55 -9.78
N ALA C 131 17.82 -4.27 -10.03
CA ALA C 131 17.92 -3.83 -11.40
C ALA C 131 18.89 -2.65 -11.52
N PRO C 132 19.70 -2.58 -12.58
CA PRO C 132 20.52 -1.39 -12.79
C PRO C 132 19.67 -0.14 -13.00
N TYR C 133 20.33 1.01 -12.82
CA TYR C 133 19.65 2.29 -12.93
C TYR C 133 18.90 2.42 -14.25
N ALA C 134 19.47 1.87 -15.33
CA ALA C 134 18.85 2.03 -16.64
C ALA C 134 17.49 1.33 -16.69
N ALA C 135 17.44 0.07 -16.25
CA ALA C 135 16.16 -0.64 -16.20
C ALA C 135 15.21 0.02 -15.20
N ALA C 136 15.76 0.48 -14.08
CA ALA C 136 14.92 1.13 -13.08
C ALA C 136 14.33 2.44 -13.59
N LEU C 137 15.08 3.17 -14.44
CA LEU C 137 14.59 4.42 -14.99
C LEU C 137 13.46 4.18 -15.99
N GLU C 138 13.57 3.13 -16.79
CA GLU C 138 12.52 2.82 -17.75
C GLU C 138 11.21 2.51 -17.02
N HIS C 139 11.25 1.56 -16.07
CA HIS C 139 10.08 1.20 -15.27
C HIS C 139 9.55 2.39 -14.47
N HIS C 140 10.43 3.25 -13.95
CA HIS C 140 9.97 4.35 -13.11
C HIS C 140 9.14 5.36 -13.90
N HIS C 141 9.53 5.64 -15.15
CA HIS C 141 8.80 6.62 -15.95
C HIS C 141 7.75 6.02 -16.86
N HIS C 142 7.88 4.75 -17.26
CA HIS C 142 7.02 4.24 -18.31
C HIS C 142 6.26 2.98 -17.93
N HIS C 143 6.40 2.47 -16.71
CA HIS C 143 5.55 1.36 -16.29
C HIS C 143 4.33 1.87 -15.53
N ALA D 17 -15.52 -28.84 -14.11
CA ALA D 17 -15.12 -27.45 -14.25
C ALA D 17 -15.59 -26.64 -13.04
N PHE D 18 -15.53 -27.29 -11.88
CA PHE D 18 -15.79 -26.74 -10.54
C PHE D 18 -15.44 -25.27 -10.39
N THR D 19 -16.38 -24.44 -9.93
CA THR D 19 -16.17 -23.00 -9.76
C THR D 19 -16.80 -22.51 -8.47
N VAL D 20 -15.98 -21.90 -7.60
CA VAL D 20 -16.51 -21.16 -6.45
C VAL D 20 -17.10 -19.84 -6.94
N THR D 21 -18.25 -19.46 -6.37
CA THR D 21 -18.94 -18.23 -6.77
C THR D 21 -19.41 -17.47 -5.53
N VAL D 22 -19.37 -16.15 -5.59
CA VAL D 22 -19.82 -15.31 -4.48
C VAL D 22 -21.02 -14.52 -4.94
N PRO D 23 -22.12 -14.48 -4.18
CA PRO D 23 -23.28 -13.70 -4.61
C PRO D 23 -22.94 -12.22 -4.71
N LYS D 24 -22.20 -11.67 -3.76
CA LYS D 24 -21.80 -10.27 -3.90
C LYS D 24 -20.31 -10.10 -3.59
N ASP D 25 -19.66 -9.28 -4.42
CA ASP D 25 -18.25 -8.97 -4.35
C ASP D 25 -17.87 -8.07 -3.18
N LEU D 26 -18.83 -7.34 -2.62
CA LEU D 26 -18.53 -6.19 -1.78
C LEU D 26 -19.52 -6.15 -0.64
N TYR D 27 -19.02 -5.95 0.57
CA TYR D 27 -19.84 -5.78 1.76
C TYR D 27 -19.55 -4.43 2.38
N VAL D 28 -20.62 -3.70 2.72
CA VAL D 28 -20.55 -2.44 3.45
C VAL D 28 -21.29 -2.68 4.76
N VAL D 29 -20.55 -2.75 5.87
CA VAL D 29 -21.14 -3.09 7.15
C VAL D 29 -20.77 -2.05 8.20
N GLU D 30 -21.66 -1.88 9.17
CA GLU D 30 -21.47 -0.92 10.24
CA GLU D 30 -21.47 -0.92 10.24
C GLU D 30 -20.68 -1.54 11.39
N TYR D 31 -19.75 -0.76 11.93
CA TYR D 31 -19.00 -1.09 13.14
C TYR D 31 -19.92 -1.65 14.22
N GLY D 32 -19.53 -2.80 14.80
CA GLY D 32 -20.31 -3.41 15.86
C GLY D 32 -21.49 -4.24 15.41
N SER D 33 -21.80 -4.27 14.12
CA SER D 33 -22.88 -5.13 13.63
C SER D 33 -22.34 -6.55 13.43
N ASN D 34 -23.15 -7.41 12.81
CA ASN D 34 -22.78 -8.78 12.49
C ASN D 34 -22.90 -9.01 10.99
N MET D 35 -21.97 -9.77 10.44
CA MET D 35 -21.86 -9.89 9.00
C MET D 35 -21.72 -11.36 8.62
N THR D 36 -22.46 -11.76 7.58
CA THR D 36 -22.26 -13.08 6.97
C THR D 36 -21.83 -12.86 5.52
N ILE D 37 -20.67 -13.39 5.17
CA ILE D 37 -20.12 -13.29 3.83
C ILE D 37 -20.30 -14.62 3.14
N GLU D 38 -20.98 -14.60 2.00
CA GLU D 38 -21.49 -15.81 1.39
C GLU D 38 -20.62 -16.23 0.20
N CYS D 39 -20.72 -17.52 -0.12
CA CYS D 39 -19.77 -18.17 -1.02
C CYS D 39 -20.34 -19.52 -1.39
N LYS D 40 -20.33 -19.84 -2.69
CA LYS D 40 -21.05 -21.02 -3.19
C LYS D 40 -20.21 -21.82 -4.16
N PHE D 41 -20.64 -23.09 -4.39
CA PHE D 41 -19.90 -24.07 -5.12
C PHE D 41 -20.73 -25.27 -5.56
N PRO D 42 -20.41 -25.75 -6.76
CA PRO D 42 -20.86 -27.04 -7.25
C PRO D 42 -21.16 -28.10 -6.16
N VAL D 43 -22.44 -28.37 -5.96
CA VAL D 43 -22.94 -29.59 -5.34
C VAL D 43 -24.31 -29.92 -5.94
N GLU D 44 -24.32 -30.43 -7.16
CA GLU D 44 -25.57 -30.85 -7.78
C GLU D 44 -26.11 -32.09 -7.06
N LYS D 45 -25.39 -33.20 -7.17
CA LYS D 45 -25.68 -34.41 -6.40
C LYS D 45 -24.94 -34.34 -5.07
N GLN D 46 -25.49 -35.02 -4.07
CA GLN D 46 -25.03 -34.83 -2.70
C GLN D 46 -24.58 -36.13 -2.06
N LEU D 47 -23.74 -36.09 -1.00
CA LEU D 47 -23.10 -34.88 -0.45
C LEU D 47 -21.81 -35.23 0.27
N ASP D 48 -20.84 -35.80 -0.45
CA ASP D 48 -19.65 -36.35 0.18
C ASP D 48 -18.92 -35.33 1.03
N LEU D 49 -18.98 -35.52 2.36
CA LEU D 49 -18.32 -34.59 3.26
C LEU D 49 -16.81 -34.66 3.12
N ALA D 50 -16.26 -35.85 2.89
CA ALA D 50 -14.83 -36.08 3.05
C ALA D 50 -13.99 -35.44 1.96
N ALA D 51 -14.58 -35.13 0.80
CA ALA D 51 -13.86 -34.52 -0.31
C ALA D 51 -13.85 -32.99 -0.21
N LEU D 52 -14.09 -32.43 0.98
CA LEU D 52 -14.37 -31.01 1.16
C LEU D 52 -13.33 -30.38 2.08
N ILE D 53 -12.65 -29.36 1.57
CA ILE D 53 -11.85 -28.45 2.38
C ILE D 53 -12.36 -27.04 2.13
N VAL D 54 -12.74 -26.33 3.18
CA VAL D 54 -13.07 -24.91 3.05
C VAL D 54 -12.10 -24.11 3.91
N TYR D 55 -11.51 -23.08 3.30
CA TYR D 55 -10.54 -22.21 3.94
C TYR D 55 -10.98 -20.76 3.74
N TRP D 56 -11.14 -20.04 4.84
CA TRP D 56 -11.45 -18.62 4.80
C TRP D 56 -10.26 -17.86 5.36
N GLU D 57 -9.84 -16.83 4.66
CA GLU D 57 -8.80 -15.97 5.19
C GLU D 57 -9.09 -14.52 4.85
N MET D 58 -8.28 -13.66 5.46
CA MET D 58 -8.28 -12.22 5.24
C MET D 58 -6.82 -11.80 5.22
N GLU D 59 -6.34 -11.35 4.07
CA GLU D 59 -5.03 -10.71 3.90
C GLU D 59 -3.93 -11.40 4.73
N ASP D 60 -3.79 -12.71 4.52
CA ASP D 60 -2.77 -13.61 5.10
C ASP D 60 -3.18 -14.21 6.43
N LYS D 61 -4.26 -13.77 7.02
CA LYS D 61 -4.64 -14.23 8.34
C LYS D 61 -5.61 -15.38 8.19
N ASN D 62 -5.35 -16.48 8.89
CA ASN D 62 -6.31 -17.56 8.84
C ASN D 62 -7.47 -17.27 9.76
N ILE D 63 -8.67 -17.48 9.24
CA ILE D 63 -9.89 -17.32 10.00
C ILE D 63 -10.56 -18.67 10.22
N ILE D 64 -10.66 -19.47 9.15
CA ILE D 64 -11.49 -20.66 9.16
C ILE D 64 -10.76 -21.75 8.41
N GLN D 65 -10.61 -22.91 9.05
CA GLN D 65 -9.93 -24.04 8.46
C GLN D 65 -10.81 -25.26 8.68
N PHE D 66 -11.58 -25.65 7.67
CA PHE D 66 -12.59 -26.70 7.78
C PHE D 66 -12.13 -27.92 6.99
N VAL D 67 -11.96 -29.04 7.69
CA VAL D 67 -11.56 -30.31 7.07
C VAL D 67 -12.20 -31.47 7.82
N HIS D 68 -12.80 -32.40 7.07
CA HIS D 68 -13.39 -33.62 7.62
C HIS D 68 -14.49 -33.32 8.62
N GLY D 69 -15.22 -32.21 8.43
CA GLY D 69 -16.41 -31.92 9.21
C GLY D 69 -16.19 -31.13 10.49
N GLU D 70 -14.97 -30.66 10.74
CA GLU D 70 -14.72 -29.86 11.93
C GLU D 70 -13.69 -28.79 11.64
N GLU D 71 -13.86 -27.62 12.26
CA GLU D 71 -12.86 -26.58 12.23
C GLU D 71 -11.72 -26.94 13.20
N ASP D 72 -10.48 -26.80 12.74
CA ASP D 72 -9.31 -26.92 13.60
C ASP D 72 -8.80 -25.50 13.90
N LEU D 73 -9.02 -25.03 15.12
CA LEU D 73 -8.77 -23.64 15.51
C LEU D 73 -7.37 -23.44 16.10
N LYS D 74 -6.40 -24.26 15.70
CA LYS D 74 -5.03 -24.03 16.13
C LYS D 74 -4.34 -22.97 15.28
N VAL D 75 -4.70 -22.85 14.01
CA VAL D 75 -4.09 -21.84 13.14
C VAL D 75 -4.91 -20.54 13.16
N GLN D 76 -6.12 -20.57 13.73
CA GLN D 76 -7.00 -19.41 13.70
C GLN D 76 -6.31 -18.19 14.31
N HIS D 77 -6.30 -17.09 13.56
CA HIS D 77 -5.56 -15.89 13.94
C HIS D 77 -6.17 -15.27 15.19
N SER D 78 -5.33 -14.53 15.92
CA SER D 78 -5.71 -14.04 17.24
C SER D 78 -6.84 -13.01 17.17
N SER D 79 -6.94 -12.26 16.07
CA SER D 79 -7.99 -11.24 16.00
C SER D 79 -9.37 -11.85 15.74
N TYR D 80 -9.46 -13.17 15.57
CA TYR D 80 -10.73 -13.86 15.32
C TYR D 80 -11.03 -14.88 16.42
N ARG D 81 -10.52 -14.63 17.62
CA ARG D 81 -10.89 -15.44 18.77
C ARG D 81 -12.37 -15.22 19.08
N GLN D 82 -13.17 -16.28 19.01
CA GLN D 82 -14.57 -16.33 19.42
C GLN D 82 -15.51 -15.57 18.49
N ARG D 83 -15.04 -15.09 17.35
CA ARG D 83 -15.86 -14.21 16.51
C ARG D 83 -16.11 -14.72 15.12
N ALA D 84 -15.38 -15.72 14.65
CA ALA D 84 -15.54 -16.28 13.32
C ALA D 84 -16.00 -17.73 13.42
N ARG D 85 -17.08 -18.07 12.72
CA ARG D 85 -17.55 -19.44 12.69
C ARG D 85 -18.22 -19.74 11.35
N LEU D 86 -17.94 -20.94 10.83
CA LEU D 86 -18.65 -21.48 9.67
C LEU D 86 -19.95 -22.15 10.08
N LEU D 87 -21.00 -21.86 9.34
CA LEU D 87 -22.35 -22.38 9.62
C LEU D 87 -22.58 -23.63 8.76
N LYS D 88 -22.58 -24.81 9.40
CA LYS D 88 -22.27 -26.07 8.73
C LYS D 88 -23.47 -26.80 8.13
N ASP D 89 -24.72 -26.45 8.47
CA ASP D 89 -25.86 -27.17 7.87
C ASP D 89 -26.21 -26.73 6.44
N GLN D 90 -25.73 -25.57 5.94
CA GLN D 90 -26.06 -25.06 4.60
C GLN D 90 -25.04 -25.49 3.52
N LEU D 91 -23.87 -26.02 3.91
CA LEU D 91 -22.93 -26.61 2.96
C LEU D 91 -23.61 -27.61 2.04
N SER D 92 -24.58 -28.39 2.58
CA SER D 92 -25.38 -29.31 1.78
C SER D 92 -26.13 -28.60 0.65
N LEU D 93 -26.46 -27.34 0.82
CA LEU D 93 -27.07 -26.54 -0.24
C LEU D 93 -26.04 -25.85 -1.12
N GLY D 94 -24.75 -26.11 -0.91
CA GLY D 94 -23.71 -25.45 -1.68
C GLY D 94 -23.35 -24.06 -1.21
N ASN D 95 -23.57 -23.77 0.07
CA ASN D 95 -23.36 -22.44 0.63
C ASN D 95 -22.36 -22.56 1.78
N ALA D 96 -21.24 -21.86 1.65
CA ALA D 96 -20.21 -21.77 2.68
C ALA D 96 -20.12 -20.31 3.14
N ALA D 97 -20.88 -19.95 4.17
CA ALA D 97 -20.95 -18.58 4.65
C ALA D 97 -20.10 -18.40 5.90
N LEU D 98 -19.29 -17.34 5.92
CA LEU D 98 -18.48 -16.98 7.08
C LEU D 98 -19.22 -15.94 7.91
N GLN D 99 -19.42 -16.24 9.19
CA GLN D 99 -20.11 -15.34 10.10
C GLN D 99 -19.10 -14.62 10.97
N ILE D 100 -19.18 -13.29 11.00
CA ILE D 100 -18.31 -12.46 11.82
C ILE D 100 -19.18 -11.65 12.77
N THR D 101 -18.93 -11.77 14.06
CA THR D 101 -19.70 -11.07 15.07
C THR D 101 -18.91 -9.90 15.63
N ASP D 102 -19.63 -8.81 15.93
CA ASP D 102 -19.04 -7.59 16.47
C ASP D 102 -17.97 -7.05 15.53
N VAL D 103 -18.45 -6.53 14.39
CA VAL D 103 -17.54 -6.13 13.31
C VAL D 103 -16.69 -4.97 13.79
N LYS D 104 -15.39 -5.09 13.61
CA LYS D 104 -14.43 -4.07 14.00
C LYS D 104 -13.82 -3.42 12.74
N LEU D 105 -13.27 -2.22 12.90
CA LEU D 105 -12.65 -1.55 11.75
C LEU D 105 -11.52 -2.39 11.17
N GLN D 106 -10.75 -3.07 12.01
CA GLN D 106 -9.74 -4.04 11.56
C GLN D 106 -10.28 -5.05 10.56
N ASP D 107 -11.61 -5.28 10.53
CA ASP D 107 -12.18 -6.29 9.67
C ASP D 107 -12.39 -5.84 8.23
N ALA D 108 -12.15 -4.56 7.93
CA ALA D 108 -12.24 -4.08 6.55
C ALA D 108 -11.06 -4.60 5.74
N GLY D 109 -11.31 -4.96 4.49
CA GLY D 109 -10.24 -5.46 3.63
C GLY D 109 -10.77 -6.57 2.74
N VAL D 110 -9.82 -7.27 2.11
CA VAL D 110 -10.13 -8.28 1.09
C VAL D 110 -10.13 -9.66 1.75
N TYR D 111 -11.23 -10.40 1.54
CA TYR D 111 -11.41 -11.75 2.07
C TYR D 111 -11.32 -12.76 0.93
N ARG D 112 -10.93 -13.98 1.28
CA ARG D 112 -10.76 -15.06 0.32
C ARG D 112 -11.51 -16.31 0.79
N CYS D 113 -12.37 -16.82 -0.07
CA CYS D 113 -13.12 -18.05 0.17
C CYS D 113 -12.50 -19.12 -0.74
N MET D 114 -11.67 -20.00 -0.17
CA MET D 114 -11.04 -21.10 -0.89
C MET D 114 -11.74 -22.43 -0.61
N ILE D 115 -12.17 -23.12 -1.67
CA ILE D 115 -12.89 -24.40 -1.52
C ILE D 115 -12.36 -25.43 -2.51
N SER D 116 -12.06 -26.62 -2.01
CA SER D 116 -11.67 -27.77 -2.82
C SER D 116 -12.75 -28.84 -2.68
N TYR D 117 -13.41 -29.19 -3.79
CA TYR D 117 -14.47 -30.20 -3.76
C TYR D 117 -14.50 -30.90 -5.13
N GLY D 118 -13.60 -31.87 -5.30
CA GLY D 118 -13.43 -32.54 -6.58
C GLY D 118 -13.18 -31.51 -7.65
N GLY D 119 -12.10 -30.75 -7.45
CA GLY D 119 -11.91 -29.51 -8.16
C GLY D 119 -11.60 -28.45 -7.14
N ALA D 120 -11.04 -27.32 -7.55
CA ALA D 120 -10.68 -26.29 -6.60
C ALA D 120 -10.82 -24.92 -7.23
N ASP D 121 -11.32 -23.97 -6.45
CA ASP D 121 -11.43 -22.59 -6.88
C ASP D 121 -11.43 -21.70 -5.63
N TYR D 122 -11.48 -20.40 -5.86
CA TYR D 122 -11.53 -19.43 -4.78
C TYR D 122 -12.00 -18.10 -5.37
N LYS D 123 -12.62 -17.28 -4.50
CA LYS D 123 -13.17 -15.99 -4.89
C LYS D 123 -12.82 -14.94 -3.84
N ARG D 124 -12.63 -13.70 -4.29
CA ARG D 124 -12.35 -12.59 -3.39
C ARG D 124 -13.62 -11.81 -3.04
N ILE D 125 -13.65 -11.34 -1.81
CA ILE D 125 -14.71 -10.49 -1.29
C ILE D 125 -14.06 -9.31 -0.59
N THR D 126 -14.50 -8.10 -0.89
CA THR D 126 -13.99 -6.89 -0.25
C THR D 126 -15.01 -6.39 0.77
N VAL D 127 -14.54 -6.06 1.98
CA VAL D 127 -15.39 -5.57 3.07
C VAL D 127 -14.95 -4.15 3.44
N LYS D 128 -15.92 -3.23 3.50
CA LYS D 128 -15.69 -1.88 3.97
C LYS D 128 -16.57 -1.63 5.18
N VAL D 129 -15.97 -1.08 6.24
CA VAL D 129 -16.63 -0.85 7.52
C VAL D 129 -16.82 0.65 7.73
N ASN D 130 -18.09 1.07 7.78
CA ASN D 130 -18.46 2.41 8.19
C ASN D 130 -18.48 2.51 9.71
N ALA D 131 -18.02 3.64 10.24
CA ALA D 131 -17.96 3.79 11.69
C ALA D 131 -18.17 5.25 12.10
N PRO D 132 -18.81 5.50 13.23
CA PRO D 132 -18.94 6.87 13.74
C PRO D 132 -17.59 7.42 14.16
N TYR D 133 -17.55 8.76 14.28
CA TYR D 133 -16.34 9.45 14.67
C TYR D 133 -15.71 8.86 15.93
N ALA D 134 -16.51 8.63 16.97
CA ALA D 134 -15.96 8.21 18.26
C ALA D 134 -15.31 6.83 18.17
N ALA D 135 -15.84 5.97 17.30
CA ALA D 135 -15.20 4.68 17.08
C ALA D 135 -13.91 4.83 16.29
N ALA D 136 -13.90 5.68 15.27
CA ALA D 136 -12.68 5.85 14.48
C ALA D 136 -11.56 6.44 15.29
N LEU D 137 -11.88 7.29 16.28
CA LEU D 137 -10.86 7.98 17.04
C LEU D 137 -9.97 7.04 17.84
N GLU D 138 -10.42 5.81 18.10
CA GLU D 138 -9.55 4.76 18.64
C GLU D 138 -9.61 3.54 17.72
N HIS D 139 -8.57 3.15 16.99
CA HIS D 139 -7.23 3.73 16.79
C HIS D 139 -7.02 5.24 16.66
N HIS D 140 -7.15 5.67 15.41
CA HIS D 140 -7.29 7.05 14.99
C HIS D 140 -7.67 7.07 13.52
O1 8J8 E . 3.58 26.92 -5.61
C1 8J8 E . 6.01 24.63 1.41
C2 8J8 E . 6.27 24.92 2.79
C3 8J8 E . 7.43 24.39 3.57
C4 8J8 E . 7.23 23.66 4.74
C5 8J8 E . 8.29 23.22 5.51
C6 8J8 E . 9.59 23.50 5.11
C7 8J8 E . 9.81 24.23 3.96
C8 8J8 E . 8.75 24.68 3.19
C9 8J8 E . 5.44 25.78 3.48
O2 8J8 E . 6.37 27.58 -6.99
C10 8J8 E . 4.36 26.38 2.85
C11 8J8 E . 4.13 26.13 1.52
C12 8J8 E . 4.96 25.31 0.78
C13 8J8 E . 4.80 25.45 -0.71
C14 8J8 E . 4.14 24.59 -2.83
C15 8J8 E . 3.98 25.80 -3.50
C16 8J8 E . 3.81 25.79 -4.87
O3 8J8 E . 4.03 22.28 -5.66
C17 8J8 E . 3.59 28.17 -4.93
C18 8J8 E . 3.84 24.60 -5.61
N1 8J8 E . 6.31 26.72 -9.06
C19 8J8 E . 3.63 24.52 -7.11
C22 8J8 E . 6.01 27.67 -8.16
C23 8J8 E . 5.17 28.81 -8.64
C21 8J8 E . 6.90 25.45 -8.71
C20 8J8 E . 5.87 24.52 -8.09
N 8J8 E . 4.56 25.18 -8.02
C24 8J8 E . 4.03 23.41 -4.89
C25 8J8 E . 4.31 21.05 -5.00
C26 8J8 E . 4.16 23.40 -3.52
O 8J8 E . 4.44 24.33 -1.51
C 8J8 E . 6.77 23.53 0.69
O1 8J8 F . -5.70 -26.70 5.84
C1 8J8 F . -6.91 -24.31 -0.98
C2 8J8 F . -7.62 -24.45 -2.21
C3 8J8 F . -7.05 -24.21 -3.57
C4 8J8 F . -6.05 -25.03 -4.09
C5 8J8 F . -5.72 -24.98 -5.43
C6 8J8 F . -6.35 -24.09 -6.27
C7 8J8 F . -7.31 -23.24 -5.77
C8 8J8 F . -7.65 -23.29 -4.43
C9 8J8 F . -8.95 -24.84 -2.20
O2 8J8 F . 2.45 -26.52 6.41
C10 8J8 F . -9.62 -25.06 -1.01
C11 8J8 F . -8.95 -24.89 0.19
C12 8J8 F . -7.61 -24.55 0.22
C13 8J8 F . -7.00 -24.71 1.59
C14 8J8 F . -5.47 -24.09 3.29
C15 8J8 F . -5.93 -25.22 3.96
C16 8J8 F . -5.29 -25.64 5.09
O3 8J8 F . -2.67 -23.18 5.47
C17 8J8 F . -6.83 -27.44 5.37
C18 8J8 F . -4.15 -24.98 5.59
N1 8J8 F . 0.59 -26.34 7.66
C19 8J8 F . -3.35 -25.61 6.71
C22 8J8 F . 1.84 -25.99 7.34
C23 8J8 F . 2.45 -24.90 8.16
C21 8J8 F . -0.16 -27.36 6.95
C20 8J8 F . -1.65 -27.29 7.27
N 8J8 F . -2.41 -26.63 6.21
C24 8J8 F . -3.75 -23.81 4.93
C25 8J8 F . -2.11 -22.10 4.73
C26 8J8 F . -4.39 -23.37 3.78
O 8J8 F . -6.02 -23.78 2.06
C 8J8 F . -5.46 -23.91 -0.96
#